data_6TF1
#
_entry.id   6TF1
#
_cell.length_a   57.585
_cell.length_b   59.014
_cell.length_c   190.587
_cell.angle_alpha   90.000
_cell.angle_beta   90.000
_cell.angle_gamma   90.000
#
_symmetry.space_group_name_H-M   'I 2 2 2'
#
loop_
_entity.id
_entity.type
_entity.pdbx_description
1 polymer 'Chains: A'
2 non-polymer 'MAGNESIUM ION'
3 non-polymer 'SODIUM ION'
4 non-polymer "ADENOSINE-5'-DIPHOSPHATE"
5 water water
#
_entity_poly.entity_id   1
_entity_poly.type   'polyribonucleotide'
_entity_poly.pdbx_seq_one_letter_code
;GGCUUCAACAACCCCGUAGGUUGGGCCGAAAGGCAGCGAAUCUACUGGAGCC
;
_entity_poly.pdbx_strand_id   A
#